data_6G29
#
_entry.id   6G29
#
_cell.length_a   44.003
_cell.length_b   47.431
_cell.length_c   64.287
_cell.angle_alpha   90.000
_cell.angle_beta   90.000
_cell.angle_gamma   90.000
#
_symmetry.space_group_name_H-M   'P 21 21 21'
#
loop_
_entity.id
_entity.type
_entity.pdbx_description
1 polymer 'Histone-lysine N-methyltransferase NSD3'
2 non-polymer 5-methyl-2-piperidin-4-yl-6-pyridin-4-yl-pyridazin-3-one
3 water water
#
_entity_poly.entity_id   1
_entity_poly.type   'polypeptide(L)'
_entity_poly.pdbx_seq_one_letter_code
;STGVKFQVGDLVWSKVGTYPWWPCMVSSDPQLEVHTKINTRGAREYHVQFFSNQPERAWVHEKRVREYKGHKQYEELLAE
ATKQASNHSEKQKIRKPRPQRERAQWDIGIAHAEKALKMTREERIEQYTFIYIDKQ
;
_entity_poly.pdbx_strand_id   A
#
# COMPACT_ATOMS: atom_id res chain seq x y z
N VAL A 4 -10.10 -14.09 -1.81
CA VAL A 4 -8.91 -13.36 -2.28
C VAL A 4 -9.27 -12.48 -3.50
N LYS A 5 -9.27 -11.15 -3.34
CA LYS A 5 -9.58 -10.16 -4.38
C LYS A 5 -8.33 -9.47 -4.95
N PHE A 6 -7.19 -9.57 -4.26
CA PHE A 6 -5.95 -8.94 -4.71
C PHE A 6 -4.81 -9.91 -4.89
N GLN A 7 -3.92 -9.64 -5.88
CA GLN A 7 -2.78 -10.51 -6.16
C GLN A 7 -1.50 -9.70 -6.09
N VAL A 8 -0.34 -10.39 -6.05
CA VAL A 8 0.97 -9.71 -5.96
C VAL A 8 1.09 -8.75 -7.15
N GLY A 9 1.56 -7.54 -6.90
CA GLY A 9 1.74 -6.54 -7.95
C GLY A 9 0.56 -5.60 -8.14
N ASP A 10 -0.61 -5.94 -7.55
CA ASP A 10 -1.80 -5.06 -7.63
C ASP A 10 -1.54 -3.78 -6.85
N LEU A 11 -2.01 -2.65 -7.40
CA LEU A 11 -1.88 -1.35 -6.74
C LEU A 11 -3.14 -1.13 -5.91
N VAL A 12 -2.95 -0.75 -4.64
CA VAL A 12 -4.04 -0.51 -3.71
C VAL A 12 -3.78 0.71 -2.83
N TRP A 13 -4.85 1.25 -2.24
CA TRP A 13 -4.77 2.28 -1.23
C TRP A 13 -4.96 1.48 0.08
N SER A 14 -4.22 1.80 1.15
CA SER A 14 -4.40 1.16 2.46
C SER A 14 -4.58 2.25 3.49
N LYS A 15 -5.52 2.05 4.44
CA LYS A 15 -5.77 3.01 5.53
C LYS A 15 -5.35 2.29 6.80
N VAL A 16 -4.22 2.70 7.37
CA VAL A 16 -3.66 2.03 8.56
C VAL A 16 -3.45 3.01 9.70
N GLY A 17 -3.95 2.64 10.89
CA GLY A 17 -3.80 3.40 12.12
C GLY A 17 -4.04 4.89 11.99
N THR A 18 -3.01 5.71 12.29
CA THR A 18 -3.14 7.17 12.24
C THR A 18 -2.83 7.77 10.87
N TYR A 19 -2.44 6.94 9.89
CA TYR A 19 -2.02 7.41 8.58
C TYR A 19 -3.20 7.64 7.63
N PRO A 20 -3.08 8.57 6.65
CA PRO A 20 -4.16 8.74 5.67
C PRO A 20 -4.15 7.59 4.66
N TRP A 21 -5.20 7.48 3.82
CA TRP A 21 -5.21 6.47 2.74
C TRP A 21 -3.88 6.61 2.00
N TRP A 22 -3.15 5.50 1.86
CA TRP A 22 -1.80 5.52 1.32
C TRP A 22 -1.60 4.62 0.11
N PRO A 23 -0.88 5.09 -0.93
CA PRO A 23 -0.63 4.24 -2.12
C PRO A 23 0.33 3.08 -1.80
N CYS A 24 -0.09 1.85 -2.19
CA CYS A 24 0.65 0.61 -1.93
C CYS A 24 0.72 -0.31 -3.13
N MET A 25 1.58 -1.33 -3.00
CA MET A 25 1.63 -2.46 -3.93
C MET A 25 1.53 -3.73 -3.09
N VAL A 26 0.61 -4.64 -3.48
CA VAL A 26 0.47 -5.93 -2.79
C VAL A 26 1.72 -6.77 -3.10
N SER A 27 2.26 -7.44 -2.07
CA SER A 27 3.45 -8.25 -2.22
C SER A 27 3.40 -9.44 -1.30
N SER A 28 4.26 -10.42 -1.56
CA SER A 28 4.37 -11.59 -0.72
C SER A 28 5.20 -11.24 0.54
N ASP A 29 4.71 -11.64 1.72
CA ASP A 29 5.45 -11.43 2.97
C ASP A 29 6.78 -12.22 2.85
N PRO A 30 7.93 -11.60 3.18
CA PRO A 30 9.22 -12.30 3.02
C PRO A 30 9.40 -13.56 3.86
N GLN A 31 8.68 -13.67 4.99
CA GLN A 31 8.74 -14.80 5.93
C GLN A 31 7.63 -15.83 5.71
N LEU A 32 6.39 -15.37 5.53
CA LEU A 32 5.24 -16.28 5.35
C LEU A 32 5.11 -16.79 3.92
N GLU A 33 5.74 -16.08 2.94
CA GLU A 33 5.74 -16.39 1.51
C GLU A 33 4.32 -16.45 0.91
N VAL A 34 3.43 -15.61 1.46
CA VAL A 34 2.05 -15.43 1.03
C VAL A 34 1.76 -13.92 1.00
N HIS A 35 0.86 -13.50 0.12
CA HIS A 35 0.49 -12.07 0.04
C HIS A 35 -0.86 -11.81 0.75
N THR A 36 -1.51 -12.88 1.20
CA THR A 36 -2.79 -12.81 1.88
C THR A 36 -2.86 -13.90 2.94
N LYS A 37 -3.61 -13.64 4.01
CA LYS A 37 -3.80 -14.63 5.08
C LYS A 37 -5.07 -14.33 5.86
N ILE A 38 -5.48 -15.30 6.67
CA ILE A 38 -6.57 -15.12 7.61
C ILE A 38 -5.88 -14.85 8.95
N ASN A 39 -6.22 -13.72 9.59
CA ASN A 39 -5.63 -13.30 10.86
C ASN A 39 -6.19 -14.07 12.09
N THR A 40 -5.66 -13.76 13.29
CA THR A 40 -6.05 -14.41 14.56
C THR A 40 -7.52 -14.16 14.94
N ARG A 41 -8.19 -13.19 14.29
CA ARG A 41 -9.61 -12.91 14.52
C ARG A 41 -10.48 -13.53 13.41
N GLY A 42 -9.85 -14.21 12.45
CA GLY A 42 -10.53 -14.89 11.36
C GLY A 42 -10.90 -14.00 10.18
N ALA A 43 -10.27 -12.82 10.10
CA ALA A 43 -10.49 -11.85 9.02
C ALA A 43 -9.37 -11.89 7.99
N ARG A 44 -9.69 -11.61 6.72
CA ARG A 44 -8.64 -11.59 5.69
C ARG A 44 -7.80 -10.33 5.73
N GLU A 45 -6.48 -10.53 5.56
CA GLU A 45 -5.52 -9.45 5.47
C GLU A 45 -4.68 -9.62 4.20
N TYR A 46 -4.11 -8.50 3.74
CA TYR A 46 -3.20 -8.46 2.59
C TYR A 46 -1.90 -7.84 3.03
N HIS A 47 -0.79 -8.35 2.45
CA HIS A 47 0.55 -7.82 2.73
C HIS A 47 0.82 -6.77 1.68
N VAL A 48 1.20 -5.56 2.14
CA VAL A 48 1.45 -4.45 1.21
C VAL A 48 2.77 -3.79 1.48
N GLN A 49 3.31 -3.18 0.41
CA GLN A 49 4.47 -2.29 0.48
C GLN A 49 3.89 -0.87 0.38
N PHE A 50 4.31 0.05 1.25
CA PHE A 50 3.86 1.43 1.09
C PHE A 50 4.82 2.14 0.15
N PHE A 51 4.30 2.81 -0.90
CA PHE A 51 5.14 3.65 -1.75
C PHE A 51 5.54 4.87 -0.95
N SER A 52 6.83 5.19 -0.94
CA SER A 52 7.36 6.28 -0.11
C SER A 52 8.86 6.42 -0.35
N ASN A 53 9.48 7.46 0.22
CA ASN A 53 10.93 7.60 0.18
C ASN A 53 11.54 6.70 1.28
N GLN A 54 10.68 6.13 2.16
CA GLN A 54 11.02 5.30 3.33
C GLN A 54 10.31 3.94 3.16
N PRO A 55 11.00 2.89 2.62
CA PRO A 55 10.33 1.59 2.41
C PRO A 55 9.80 0.96 3.68
N GLU A 56 8.51 0.61 3.67
CA GLU A 56 7.84 -0.01 4.82
C GLU A 56 6.79 -0.95 4.28
N ARG A 57 6.40 -1.90 5.11
CA ARG A 57 5.39 -2.89 4.72
C ARG A 57 4.48 -3.15 5.89
N ALA A 58 3.34 -3.79 5.62
CA ALA A 58 2.40 -4.15 6.70
C ALA A 58 1.36 -5.12 6.22
N TRP A 59 0.76 -5.84 7.17
CA TRP A 59 -0.41 -6.67 6.93
C TRP A 59 -1.59 -5.76 7.20
N VAL A 60 -2.52 -5.65 6.24
CA VAL A 60 -3.67 -4.75 6.33
C VAL A 60 -4.97 -5.52 6.16
N HIS A 61 -5.95 -5.25 7.05
CA HIS A 61 -7.30 -5.86 6.99
C HIS A 61 -7.95 -5.51 5.63
N GLU A 62 -8.56 -6.50 4.97
CA GLU A 62 -9.22 -6.33 3.66
C GLU A 62 -10.20 -5.13 3.60
N LYS A 63 -10.91 -4.81 4.71
CA LYS A 63 -11.85 -3.67 4.76
C LYS A 63 -11.12 -2.32 4.66
N ARG A 64 -9.79 -2.32 4.85
CA ARG A 64 -8.97 -1.09 4.80
C ARG A 64 -8.09 -1.04 3.55
N VAL A 65 -8.42 -1.84 2.54
CA VAL A 65 -7.70 -1.90 1.28
C VAL A 65 -8.71 -1.61 0.17
N ARG A 66 -8.29 -0.80 -0.83
CA ARG A 66 -9.11 -0.43 -1.99
C ARG A 66 -8.23 -0.48 -3.23
N GLU A 67 -8.77 -0.88 -4.39
CA GLU A 67 -8.05 -0.86 -5.66
C GLU A 67 -7.57 0.58 -5.95
N TYR A 68 -6.31 0.75 -6.37
CA TYR A 68 -5.77 2.07 -6.70
C TYR A 68 -6.02 2.31 -8.20
N LYS A 69 -6.93 3.24 -8.52
CA LYS A 69 -7.29 3.59 -9.91
C LYS A 69 -6.54 4.84 -10.37
N GLY A 70 -6.10 5.67 -9.43
CA GLY A 70 -5.40 6.92 -9.68
C GLY A 70 -5.39 7.81 -8.46
N HIS A 71 -4.42 8.75 -8.39
CA HIS A 71 -4.27 9.67 -7.26
C HIS A 71 -5.51 10.51 -6.96
N LYS A 72 -6.31 10.85 -8.00
CA LYS A 72 -7.51 11.68 -7.81
C LYS A 72 -8.65 10.95 -7.10
N GLN A 73 -8.51 9.63 -6.92
CA GLN A 73 -9.48 8.82 -6.17
C GLN A 73 -9.45 9.16 -4.65
N TYR A 74 -8.39 9.86 -4.18
CA TYR A 74 -8.24 10.21 -2.76
C TYR A 74 -9.50 10.87 -2.16
N GLU A 75 -10.08 11.85 -2.90
CA GLU A 75 -11.31 12.56 -2.47
C GLU A 75 -12.47 11.59 -2.23
N GLU A 76 -12.60 10.56 -3.10
CA GLU A 76 -13.66 9.55 -3.04
C GLU A 76 -13.54 8.72 -1.79
N LEU A 77 -12.29 8.40 -1.39
CA LEU A 77 -12.00 7.63 -0.18
C LEU A 77 -12.41 8.41 1.07
N LEU A 78 -12.13 9.72 1.08
CA LEU A 78 -12.52 10.60 2.20
C LEU A 78 -14.04 10.71 2.28
N ALA A 79 -14.72 10.66 1.11
CA ALA A 79 -16.18 10.76 1.02
C ALA A 79 -16.90 9.54 1.62
N GLU A 80 -16.22 8.37 1.69
CA GLU A 80 -16.75 7.13 2.30
C GLU A 80 -17.12 7.37 3.76
N LYS A 93 -19.22 21.04 5.63
CA LYS A 93 -18.23 20.01 5.29
C LYS A 93 -16.99 20.12 6.19
N ILE A 94 -16.50 18.98 6.69
CA ILE A 94 -15.36 18.92 7.62
C ILE A 94 -14.20 18.11 7.04
N ARG A 95 -12.98 18.65 7.15
CA ARG A 95 -11.77 17.97 6.68
C ARG A 95 -10.63 18.02 7.69
N LYS A 96 -9.92 16.91 7.81
CA LYS A 96 -8.75 16.81 8.66
C LYS A 96 -7.56 17.48 7.96
N PRO A 97 -6.73 18.30 8.66
CA PRO A 97 -5.55 18.86 7.98
C PRO A 97 -4.46 17.77 7.90
N ARG A 98 -3.41 17.98 7.12
CA ARG A 98 -2.35 16.97 7.08
C ARG A 98 -0.98 17.58 7.39
N PRO A 99 -0.21 16.94 8.31
CA PRO A 99 1.14 17.47 8.63
C PRO A 99 2.03 17.46 7.38
N GLN A 100 2.80 18.55 7.20
CA GLN A 100 3.70 18.79 6.06
C GLN A 100 4.65 17.65 5.75
N ARG A 101 5.34 17.09 6.78
CA ARG A 101 6.30 15.99 6.62
C ARG A 101 5.62 14.79 6.00
N GLU A 102 4.45 14.42 6.55
CA GLU A 102 3.65 13.29 6.09
C GLU A 102 3.15 13.54 4.66
N ARG A 103 2.65 14.76 4.37
CA ARG A 103 2.17 15.14 3.04
C ARG A 103 3.28 15.01 1.97
N ALA A 104 4.53 15.40 2.32
CA ALA A 104 5.71 15.34 1.44
C ALA A 104 6.05 13.90 1.09
N GLN A 105 5.95 13.00 2.09
CA GLN A 105 6.20 11.58 1.96
C GLN A 105 5.08 10.99 1.10
N TRP A 106 3.80 11.42 1.34
CA TRP A 106 2.64 10.95 0.58
C TRP A 106 2.75 11.37 -0.90
N ASP A 107 3.20 12.63 -1.15
CA ASP A 107 3.41 13.09 -2.51
C ASP A 107 4.44 12.24 -3.25
N ILE A 108 5.53 11.83 -2.55
CA ILE A 108 6.57 10.95 -3.13
C ILE A 108 5.93 9.58 -3.44
N GLY A 109 5.18 9.05 -2.49
CA GLY A 109 4.50 7.76 -2.68
C GLY A 109 3.57 7.77 -3.87
N ILE A 110 2.80 8.86 -4.01
CA ILE A 110 1.88 9.02 -5.12
C ILE A 110 2.62 9.08 -6.45
N ALA A 111 3.74 9.84 -6.53
CA ALA A 111 4.55 9.92 -7.75
C ALA A 111 4.99 8.51 -8.17
N HIS A 112 5.42 7.67 -7.21
CA HIS A 112 5.82 6.28 -7.51
C HIS A 112 4.60 5.48 -7.97
N ALA A 113 3.45 5.63 -7.28
CA ALA A 113 2.23 4.90 -7.64
C ALA A 113 1.74 5.22 -9.06
N GLU A 114 1.86 6.50 -9.44
CA GLU A 114 1.46 6.98 -10.77
C GLU A 114 2.33 6.37 -11.88
N LYS A 115 3.64 6.25 -11.60
CA LYS A 115 4.60 5.61 -12.52
C LYS A 115 4.25 4.11 -12.60
N ALA A 116 3.97 3.47 -11.45
CA ALA A 116 3.61 2.05 -11.35
C ALA A 116 2.32 1.73 -12.13
N LEU A 117 1.35 2.66 -12.11
CA LEU A 117 0.06 2.53 -12.80
C LEU A 117 0.22 2.34 -14.33
N LYS A 118 1.28 2.96 -14.92
CA LYS A 118 1.62 2.93 -16.35
C LYS A 118 2.38 1.66 -16.75
N MET A 119 2.72 0.81 -15.78
CA MET A 119 3.44 -0.44 -15.99
C MET A 119 2.47 -1.61 -15.95
N THR A 120 2.93 -2.78 -16.45
CA THR A 120 2.18 -4.03 -16.34
C THR A 120 2.47 -4.56 -14.91
N ARG A 121 1.67 -5.55 -14.45
CA ARG A 121 1.85 -6.16 -13.15
C ARG A 121 3.27 -6.76 -13.04
N GLU A 122 3.75 -7.46 -14.11
CA GLU A 122 5.11 -8.03 -14.16
C GLU A 122 6.20 -6.95 -14.06
N GLU A 123 6.02 -5.82 -14.76
CA GLU A 123 6.98 -4.71 -14.72
C GLU A 123 7.05 -4.07 -13.32
N ARG A 124 5.88 -3.89 -12.67
CA ARG A 124 5.78 -3.33 -11.32
C ARG A 124 6.49 -4.23 -10.32
N ILE A 125 6.25 -5.56 -10.42
CA ILE A 125 6.90 -6.51 -9.51
C ILE A 125 8.43 -6.37 -9.58
N GLU A 126 8.98 -6.30 -10.80
CA GLU A 126 10.42 -6.15 -11.01
C GLU A 126 10.94 -4.82 -10.48
N GLN A 127 10.22 -3.72 -10.77
CA GLN A 127 10.64 -2.38 -10.40
C GLN A 127 10.56 -2.09 -8.90
N TYR A 128 9.53 -2.60 -8.22
CA TYR A 128 9.25 -2.19 -6.84
C TYR A 128 9.39 -3.21 -5.73
N THR A 129 9.40 -4.54 -6.01
CA THR A 129 9.49 -5.47 -4.88
C THR A 129 10.73 -5.26 -4.02
N PHE A 130 10.52 -5.05 -2.71
CA PHE A 130 11.62 -4.84 -1.79
C PHE A 130 12.59 -6.00 -1.68
N ILE A 131 13.85 -5.67 -1.33
CA ILE A 131 14.93 -6.57 -0.99
C ILE A 131 14.94 -6.58 0.53
N TYR A 132 14.90 -7.76 1.12
CA TYR A 132 14.92 -7.89 2.57
C TYR A 132 16.26 -8.44 3.01
N ILE A 133 16.91 -7.76 3.96
CA ILE A 133 18.22 -8.12 4.51
C ILE A 133 18.05 -8.50 5.98
N ASP A 134 18.42 -9.72 6.34
CA ASP A 134 18.38 -10.23 7.71
C ASP A 134 19.38 -9.45 8.57
N LYS A 135 18.98 -9.03 9.78
N LYS A 135 18.98 -9.01 9.78
CA LYS A 135 19.84 -8.29 10.71
CA LYS A 135 19.87 -8.27 10.67
C LYS A 135 20.83 -9.28 11.34
C LYS A 135 20.83 -9.27 11.33
N GLN A 136 22.14 -9.04 11.14
CA GLN A 136 23.20 -9.92 11.64
C GLN A 136 23.65 -9.57 13.06
#